data_8WP5
#
_entry.id   8WP5
#
_cell.length_a   122.240
_cell.length_b   122.240
_cell.length_c   81.520
_cell.angle_alpha   90.000
_cell.angle_beta   90.000
_cell.angle_gamma   90.000
#
_symmetry.space_group_name_H-M   'P 43 21 2'
#
loop_
_entity.id
_entity.type
_entity.pdbx_description
1 polymer Glycosyltransferase
2 non-polymer "URIDINE-5'-DIPHOSPHATE"
3 non-polymer 'CHLORIDE ION'
4 water water
#
_entity_poly.entity_id   1
_entity_poly.type   'polypeptide(L)'
_entity_poly.pdbx_seq_one_letter_code
;GSEFELRRQALTTKAELVFIPSPGAGHLISAIEIAKLILNRDERLCISVLIMKLPMDFGVQSYVASLSSSPRLQFVDITL
DEKTVAGLLKNKESFFTDFIQGHKPKVKDFIHNTSFSKSGSGFSRLAGFVLDMFCTSMIDVASEFSVPSYIFLTSNAAFL
ALCYHFESLKKEHHIDTSKYKDSDEELTIPGFKNPYPGKFLPRLTTDQTTATTLFFDSVTRFKETKGIMVNTFAELEPFA
LQSLLVPKIYPVGPVVNFKEGGHGRNSESETESIIKWLDDQPESSVVFLCFGSMGSFDAEQIEEIAVALECSGHRFLWSL
RRPPPKGKMELPSNYEDFQEVLPEGFIERTNGVGKVIGWAPQVAVLSHPAVGGFVSHCGWNSVLESLCFGVPIGAWPQYA
EQQMNAFELVKQLGLAVEIRMDYFKDFEGKHGPVEIVTAKEIASGIRQLMADGEENEIRKRAKEMKEKSSAAMKEGGSSY
ASLGLLIEDVISNIS
;
_entity_poly.pdbx_strand_id   A
#
loop_
_chem_comp.id
_chem_comp.type
_chem_comp.name
_chem_comp.formula
CL non-polymer 'CHLORIDE ION' 'Cl -1'
UDP RNA linking URIDINE-5'-DIPHOSPHATE 'C9 H14 N2 O12 P2'
#
# COMPACT_ATOMS: atom_id res chain seq x y z
N THR A 12 -9.38 36.60 6.84
CA THR A 12 -10.22 35.45 6.54
C THR A 12 -9.54 34.16 6.99
N THR A 13 -9.93 33.68 8.17
CA THR A 13 -9.24 32.57 8.81
C THR A 13 -9.46 31.27 8.04
N LYS A 14 -8.47 30.37 8.13
CA LYS A 14 -8.48 29.09 7.45
C LYS A 14 -8.47 27.93 8.45
N ALA A 15 -8.08 26.75 7.98
CA ALA A 15 -8.00 25.56 8.83
C ALA A 15 -6.72 24.80 8.50
N GLU A 16 -5.94 24.49 9.53
CA GLU A 16 -4.70 23.74 9.37
C GLU A 16 -4.91 22.29 9.81
N LEU A 17 -4.42 21.36 9.01
CA LEU A 17 -4.44 19.94 9.35
C LEU A 17 -3.01 19.47 9.60
N VAL A 18 -2.80 18.82 10.74
CA VAL A 18 -1.48 18.32 11.14
C VAL A 18 -1.40 16.87 10.70
N PHE A 19 -0.75 16.63 9.57
CA PHE A 19 -0.56 15.27 9.08
C PHE A 19 0.63 14.63 9.76
N ILE A 20 0.41 13.48 10.39
CA ILE A 20 1.48 12.72 11.03
C ILE A 20 1.51 11.32 10.44
N PRO A 21 2.22 11.11 9.32
CA PRO A 21 2.33 9.76 8.77
C PRO A 21 3.33 8.93 9.56
N SER A 22 3.13 7.61 9.51
CA SER A 22 4.11 6.71 10.09
C SER A 22 5.43 6.86 9.36
N PRO A 23 6.56 6.74 10.06
CA PRO A 23 7.85 7.05 9.44
C PRO A 23 8.15 6.12 8.26
N GLY A 24 8.85 6.67 7.28
CA GLY A 24 9.21 5.92 6.09
C GLY A 24 8.63 6.51 4.82
N ALA A 25 9.45 6.54 3.77
CA ALA A 25 8.97 6.99 2.47
C ALA A 25 7.98 5.98 1.91
N GLY A 26 6.91 6.49 1.31
CA GLY A 26 5.77 5.66 0.98
C GLY A 26 4.58 6.09 1.82
N HIS A 27 4.70 5.95 3.15
CA HIS A 27 3.74 6.59 4.04
C HIS A 27 3.81 8.11 3.89
N LEU A 28 5.03 8.65 3.85
CA LEU A 28 5.20 10.09 3.70
C LEU A 28 4.70 10.56 2.34
N ILE A 29 4.96 9.79 1.28
CA ILE A 29 4.54 10.20 -0.06
C ILE A 29 3.03 10.11 -0.18
N SER A 30 2.41 9.09 0.41
CA SER A 30 0.96 8.99 0.38
C SER A 30 0.31 10.12 1.17
N ALA A 31 0.91 10.50 2.30
CA ALA A 31 0.36 11.60 3.09
C ALA A 31 0.43 12.91 2.32
N ILE A 32 1.49 13.13 1.55
CA ILE A 32 1.61 14.35 0.76
C ILE A 32 0.65 14.33 -0.42
N GLU A 33 0.42 13.16 -1.00
CA GLU A 33 -0.50 13.06 -2.14
C GLU A 33 -1.91 13.47 -1.75
N ILE A 34 -2.42 12.90 -0.64
CA ILE A 34 -3.76 13.27 -0.18
C ILE A 34 -3.78 14.70 0.34
N ALA A 35 -2.64 15.19 0.83
CA ALA A 35 -2.58 16.57 1.30
C ALA A 35 -2.78 17.56 0.16
N LYS A 36 -2.10 17.32 -0.97
CA LYS A 36 -2.26 18.20 -2.12
C LYS A 36 -3.65 18.09 -2.75
N LEU A 37 -4.29 16.93 -2.63
CA LEU A 37 -5.66 16.79 -3.11
C LEU A 37 -6.60 17.70 -2.33
N ILE A 38 -6.37 17.85 -1.02
CA ILE A 38 -7.20 18.74 -0.22
C ILE A 38 -6.87 20.19 -0.53
N LEU A 39 -5.58 20.52 -0.69
CA LEU A 39 -5.19 21.90 -0.93
C LEU A 39 -5.69 22.40 -2.29
N ASN A 40 -5.59 21.55 -3.31
CA ASN A 40 -6.04 21.93 -4.64
C ASN A 40 -7.56 21.92 -4.79
N ARG A 41 -8.29 21.44 -3.78
CA ARG A 41 -9.74 21.41 -3.81
C ARG A 41 -10.37 22.56 -3.05
N ASP A 42 -9.76 23.00 -1.95
CA ASP A 42 -10.35 24.04 -1.10
C ASP A 42 -9.27 25.05 -0.73
N GLU A 43 -9.52 26.32 -1.05
CA GLU A 43 -8.54 27.38 -0.79
C GLU A 43 -8.37 27.66 0.70
N ARG A 44 -9.32 27.24 1.54
CA ARG A 44 -9.34 27.61 2.95
C ARG A 44 -8.61 26.62 3.85
N LEU A 45 -7.58 25.96 3.35
CA LEU A 45 -6.89 24.96 4.15
C LEU A 45 -5.38 25.03 3.92
N CYS A 46 -4.63 24.87 5.02
CA CYS A 46 -3.20 24.63 4.98
C CYS A 46 -2.91 23.32 5.71
N ILE A 47 -1.74 22.75 5.45
CA ILE A 47 -1.39 21.44 6.00
C ILE A 47 0.07 21.45 6.43
N SER A 48 0.33 20.88 7.61
CA SER A 48 1.68 20.70 8.12
C SER A 48 1.95 19.20 8.24
N VAL A 49 2.93 18.71 7.50
CA VAL A 49 3.32 17.31 7.54
C VAL A 49 4.49 17.16 8.50
N LEU A 50 4.34 16.30 9.49
CA LEU A 50 5.36 16.07 10.50
C LEU A 50 6.10 14.79 10.15
N ILE A 51 7.39 14.90 9.86
CA ILE A 51 8.20 13.77 9.41
C ILE A 51 8.96 13.20 10.59
N MET A 52 8.86 11.89 10.77
CA MET A 52 9.70 11.15 11.71
C MET A 52 10.65 10.27 10.91
N LYS A 53 11.93 10.33 11.28
CA LYS A 53 13.00 9.69 10.54
C LYS A 53 13.67 8.63 11.40
N LEU A 54 13.79 7.43 10.87
CA LEU A 54 14.53 6.37 11.52
C LEU A 54 16.01 6.50 11.18
N PRO A 55 16.90 5.87 11.97
CA PRO A 55 18.34 6.11 11.73
C PRO A 55 18.85 5.56 10.41
N MET A 56 18.44 4.35 10.04
CA MET A 56 18.98 3.67 8.87
C MET A 56 18.19 3.92 7.60
N ASP A 57 17.37 4.97 7.56
CA ASP A 57 16.41 5.15 6.47
C ASP A 57 16.96 6.13 5.44
N PHE A 58 17.85 5.62 4.59
CA PHE A 58 18.18 6.32 3.36
C PHE A 58 17.03 6.15 2.38
N GLY A 59 16.66 7.23 1.72
CA GLY A 59 15.42 7.26 0.99
C GLY A 59 14.52 8.35 1.52
N VAL A 60 14.05 8.21 2.77
CA VAL A 60 13.39 9.33 3.44
C VAL A 60 14.34 10.51 3.51
N GLN A 61 15.56 10.28 3.98
CA GLN A 61 16.58 11.32 3.96
C GLN A 61 16.77 11.85 2.56
N SER A 62 16.87 10.96 1.58
CA SER A 62 16.99 11.38 0.18
C SER A 62 15.74 12.13 -0.27
N TYR A 63 14.56 11.64 0.11
CA TYR A 63 13.32 12.24 -0.35
C TYR A 63 13.00 13.55 0.38
N VAL A 64 13.31 13.61 1.68
CA VAL A 64 13.01 14.82 2.45
C VAL A 64 13.80 16.01 1.92
N ALA A 65 15.06 15.77 1.52
CA ALA A 65 15.90 16.86 1.02
C ALA A 65 15.30 17.51 -0.23
N SER A 66 14.51 16.76 -0.99
CA SER A 66 13.91 17.27 -2.21
C SER A 66 12.63 18.07 -1.96
N LEU A 67 12.18 18.17 -0.72
CA LEU A 67 10.87 18.74 -0.43
C LEU A 67 10.92 20.27 -0.47
N SER A 68 10.11 20.86 -1.33
CA SER A 68 9.94 22.31 -1.40
C SER A 68 8.66 22.68 -0.68
N SER A 69 8.78 23.46 0.38
CA SER A 69 7.63 23.84 1.20
C SER A 69 6.75 24.82 0.42
N SER A 70 5.56 24.35 0.02
CA SER A 70 4.60 25.21 -0.66
C SER A 70 4.12 26.31 0.29
N PRO A 71 3.62 27.42 -0.26
CA PRO A 71 3.08 28.48 0.60
C PRO A 71 2.01 28.02 1.57
N ARG A 72 1.18 27.05 1.18
CA ARG A 72 0.14 26.51 2.04
C ARG A 72 0.45 25.10 2.52
N LEU A 73 1.73 24.73 2.56
CA LEU A 73 2.11 23.35 2.88
C LEU A 73 3.53 23.38 3.43
N GLN A 74 3.68 23.12 4.72
CA GLN A 74 4.97 23.18 5.39
C GLN A 74 5.36 21.78 5.85
N PHE A 75 6.54 21.33 5.43
CA PHE A 75 7.11 20.07 5.88
C PHE A 75 8.02 20.35 7.06
N VAL A 76 7.62 19.91 8.25
CA VAL A 76 8.39 20.12 9.47
C VAL A 76 8.97 18.78 9.90
N ASP A 77 10.25 18.79 10.30
CA ASP A 77 10.94 17.60 10.76
C ASP A 77 11.05 17.67 12.29
N ILE A 78 10.55 16.64 12.96
CA ILE A 78 10.36 16.66 14.40
C ILE A 78 11.08 15.51 15.10
N THR A 79 12.05 14.89 14.45
CA THR A 79 12.64 13.71 15.08
C THR A 79 13.55 14.09 16.23
N LEU A 80 13.68 13.16 17.18
CA LEU A 80 14.49 13.35 18.37
C LEU A 80 15.98 13.24 18.02
N ASP A 81 16.80 13.81 18.88
CA ASP A 81 18.24 13.62 18.79
C ASP A 81 18.59 12.13 18.87
N GLU A 82 19.72 11.77 18.26
CA GLU A 82 20.09 10.36 18.19
C GLU A 82 20.34 9.75 19.57
N LYS A 83 20.66 10.56 20.58
CA LYS A 83 20.77 10.03 21.94
C LYS A 83 19.48 9.33 22.34
N THR A 84 18.35 10.00 22.15
CA THR A 84 17.07 9.46 22.56
C THR A 84 16.66 8.28 21.69
N VAL A 85 16.79 8.42 20.38
CA VAL A 85 16.34 7.38 19.45
C VAL A 85 17.11 6.08 19.68
N ALA A 86 18.41 6.18 19.95
CA ALA A 86 19.22 4.99 20.19
C ALA A 86 18.71 4.22 21.41
N GLY A 87 18.30 4.94 22.45
CA GLY A 87 17.75 4.30 23.63
C GLY A 87 16.36 3.75 23.43
N LEU A 88 15.89 3.74 22.18
CA LEU A 88 14.56 3.26 21.84
C LEU A 88 14.59 2.01 20.96
N LEU A 89 15.76 1.38 20.81
CA LEU A 89 15.85 0.06 20.19
C LEU A 89 15.76 -1.06 21.21
N LYS A 90 15.44 -0.75 22.47
CA LYS A 90 15.51 -1.73 23.54
C LYS A 90 14.71 -2.99 23.21
N ASN A 91 13.53 -2.83 22.62
CA ASN A 91 12.69 -3.95 22.22
C ASN A 91 12.69 -4.04 20.71
N LYS A 92 13.24 -5.14 20.18
CA LYS A 92 13.32 -5.36 18.74
C LYS A 92 11.97 -5.74 18.13
N GLU A 93 10.89 -5.80 18.91
CA GLU A 93 9.55 -5.91 18.34
C GLU A 93 8.58 -4.88 18.92
N SER A 94 9.04 -3.99 19.80
CA SER A 94 8.25 -2.83 20.21
C SER A 94 8.94 -1.52 19.83
N PHE A 95 10.07 -1.59 19.14
CA PHE A 95 10.76 -0.43 18.56
C PHE A 95 9.80 0.58 17.93
N PHE A 96 8.92 0.10 17.05
CA PHE A 96 8.18 0.99 16.16
C PHE A 96 7.14 1.80 16.92
N THR A 97 6.37 1.14 17.79
CA THR A 97 5.43 1.88 18.63
C THR A 97 6.16 2.76 19.63
N ASP A 98 7.31 2.31 20.13
CA ASP A 98 8.09 3.13 21.05
C ASP A 98 8.67 4.34 20.34
N PHE A 99 9.19 4.15 19.13
CA PHE A 99 9.79 5.26 18.38
C PHE A 99 8.75 6.34 18.10
N ILE A 100 7.58 5.94 17.58
CA ILE A 100 6.54 6.93 17.26
C ILE A 100 6.07 7.64 18.52
N GLN A 101 5.85 6.89 19.60
CA GLN A 101 5.50 7.51 20.88
C GLN A 101 6.59 8.46 21.36
N GLY A 102 7.85 8.15 21.06
CA GLY A 102 8.95 8.99 21.49
C GLY A 102 8.87 10.42 20.98
N HIS A 103 8.13 10.66 19.90
CA HIS A 103 8.01 11.98 19.31
C HIS A 103 6.83 12.78 19.86
N LYS A 104 6.05 12.20 20.75
CA LYS A 104 4.95 12.94 21.37
C LYS A 104 5.37 14.27 21.98
N PRO A 105 6.48 14.39 22.73
CA PRO A 105 6.86 15.70 23.25
C PRO A 105 7.29 16.68 22.17
N LYS A 106 7.90 16.23 21.08
CA LYS A 106 8.28 17.15 20.03
C LYS A 106 7.11 17.51 19.12
N VAL A 107 6.02 16.76 19.19
CA VAL A 107 4.82 17.14 18.45
C VAL A 107 4.12 18.30 19.15
N LYS A 108 3.97 18.21 20.47
CA LYS A 108 3.36 19.32 21.21
C LYS A 108 4.20 20.58 21.15
N ASP A 109 5.52 20.44 20.99
CA ASP A 109 6.37 21.60 20.79
C ASP A 109 6.08 22.26 19.44
N PHE A 110 5.84 21.45 18.41
CA PHE A 110 5.48 22.01 17.10
C PHE A 110 4.19 22.79 17.18
N ILE A 111 3.24 22.33 18.01
CA ILE A 111 1.94 23.00 18.04
C ILE A 111 2.06 24.41 18.61
N HIS A 112 2.99 24.63 19.54
CA HIS A 112 3.10 25.94 20.17
C HIS A 112 4.02 26.89 19.41
N ASN A 113 5.04 26.37 18.71
CA ASN A 113 6.04 27.22 18.07
C ASN A 113 5.86 27.30 16.55
N THR A 114 6.02 26.18 15.86
CA THR A 114 6.22 26.16 14.41
C THR A 114 4.93 26.02 13.61
N SER A 115 3.80 25.72 14.25
CA SER A 115 2.58 25.48 13.50
C SER A 115 2.05 26.78 12.89
N PHE A 116 0.98 26.64 12.11
CA PHE A 116 0.35 27.79 11.45
C PHE A 116 -0.43 28.66 12.43
N SER A 117 -0.50 28.30 13.70
CA SER A 117 -1.30 29.03 14.66
C SER A 117 -0.54 30.23 15.21
N LYS A 118 -1.30 31.17 15.79
CA LYS A 118 -0.92 32.48 16.35
C LYS A 118 -1.22 33.59 15.35
N SER A 119 -1.61 33.21 14.14
CA SER A 119 -2.25 34.09 13.16
C SER A 119 -1.30 35.06 12.47
N GLY A 120 -1.83 35.84 11.54
CA GLY A 120 -1.07 36.80 10.77
C GLY A 120 -1.71 37.13 9.43
N GLY A 122 -3.60 33.98 5.52
CA GLY A 122 -2.66 32.89 5.33
C GLY A 122 -2.42 32.06 6.58
N PHE A 123 -2.57 32.70 7.75
CA PHE A 123 -2.35 32.05 9.03
C PHE A 123 -3.68 31.89 9.76
N SER A 124 -3.82 30.79 10.49
CA SER A 124 -5.15 30.40 10.92
C SER A 124 -5.11 29.38 12.04
N ARG A 125 -6.27 29.22 12.68
CA ARG A 125 -6.44 28.30 13.79
C ARG A 125 -6.14 26.87 13.36
N LEU A 126 -5.59 26.09 14.29
CA LEU A 126 -5.39 24.66 14.07
C LEU A 126 -6.74 23.93 14.08
N ALA A 127 -6.88 22.91 13.23
CA ALA A 127 -8.20 22.34 12.98
C ALA A 127 -8.32 20.83 13.08
N GLY A 128 -7.23 20.06 12.99
CA GLY A 128 -7.38 18.62 13.06
C GLY A 128 -6.07 17.88 12.87
N PHE A 129 -6.08 16.63 13.32
CA PHE A 129 -4.97 15.69 13.16
C PHE A 129 -5.41 14.58 12.21
N VAL A 130 -4.61 14.34 11.18
CA VAL A 130 -4.81 13.20 10.29
C VAL A 130 -3.64 12.26 10.51
N LEU A 131 -3.89 11.17 11.23
CA LEU A 131 -2.84 10.25 11.65
C LEU A 131 -2.81 9.02 10.76
N ASP A 132 -1.62 8.43 10.65
CA ASP A 132 -1.51 7.13 10.01
C ASP A 132 -1.94 6.03 10.98
N MET A 133 -2.05 4.82 10.45
CA MET A 133 -2.56 3.70 11.23
C MET A 133 -1.68 3.40 12.44
N PHE A 134 -0.36 3.49 12.29
CA PHE A 134 0.56 3.20 13.37
C PHE A 134 0.79 4.39 14.29
N CYS A 135 0.05 5.50 14.10
CA CYS A 135 0.25 6.71 14.89
C CYS A 135 -0.96 7.02 15.76
N THR A 136 -1.65 6.00 16.26
CA THR A 136 -2.81 6.24 17.13
C THR A 136 -2.41 6.81 18.48
N SER A 137 -1.14 6.69 18.87
CA SER A 137 -0.68 7.34 20.09
C SER A 137 -0.76 8.85 20.01
N MET A 138 -0.85 9.40 18.80
CA MET A 138 -0.97 10.83 18.61
C MET A 138 -2.37 11.36 18.85
N ILE A 139 -3.36 10.47 19.01
CA ILE A 139 -4.72 10.91 19.33
C ILE A 139 -4.74 11.69 20.64
N ASP A 140 -3.92 11.25 21.60
CA ASP A 140 -3.93 11.88 22.92
C ASP A 140 -3.33 13.28 22.89
N VAL A 141 -2.33 13.52 22.05
CA VAL A 141 -1.79 14.88 21.92
C VAL A 141 -2.81 15.80 21.28
N ALA A 142 -3.56 15.29 20.30
CA ALA A 142 -4.59 16.11 19.66
C ALA A 142 -5.70 16.47 20.62
N SER A 143 -5.92 15.66 21.66
CA SER A 143 -6.98 15.94 22.63
C SER A 143 -6.53 16.91 23.72
N GLU A 144 -5.23 17.02 23.97
CA GLU A 144 -4.74 18.08 24.85
C GLU A 144 -5.10 19.46 24.31
N PHE A 145 -5.22 19.57 22.99
CA PHE A 145 -5.63 20.81 22.35
C PHE A 145 -7.12 20.79 21.98
N SER A 146 -7.87 19.82 22.51
CA SER A 146 -9.31 19.70 22.29
C SER A 146 -9.65 19.71 20.79
N VAL A 147 -8.99 18.82 20.05
CA VAL A 147 -9.14 18.82 18.60
C VAL A 147 -9.21 17.39 18.08
N PRO A 148 -10.17 17.07 17.23
CA PRO A 148 -10.36 15.69 16.79
C PRO A 148 -9.22 15.21 15.90
N SER A 149 -9.00 13.90 15.93
CA SER A 149 -8.02 13.25 15.08
C SER A 149 -8.72 12.41 14.01
N TYR A 150 -7.98 12.12 12.93
CA TYR A 150 -8.48 11.32 11.84
C TYR A 150 -7.46 10.25 11.49
N ILE A 151 -7.91 9.26 10.72
CA ILE A 151 -7.05 8.20 10.22
C ILE A 151 -7.04 8.27 8.70
N PHE A 152 -5.86 8.19 8.10
CA PHE A 152 -5.71 8.02 6.67
C PHE A 152 -5.11 6.64 6.43
N LEU A 153 -5.93 5.71 5.95
CA LEU A 153 -5.50 4.35 5.67
C LEU A 153 -5.14 4.24 4.19
N THR A 154 -3.87 3.97 3.89
CA THR A 154 -3.49 3.64 2.53
C THR A 154 -3.84 2.20 2.17
N SER A 155 -4.25 1.40 3.15
CA SER A 155 -4.86 0.11 2.87
C SER A 155 -6.30 0.34 2.39
N ASN A 156 -7.02 -0.75 2.14
CA ASN A 156 -8.33 -0.65 1.55
C ASN A 156 -9.43 -0.85 2.60
N ALA A 157 -10.69 -0.85 2.13
CA ALA A 157 -11.82 -0.96 3.04
C ALA A 157 -11.97 -2.38 3.57
N ALA A 158 -11.70 -3.38 2.73
CA ALA A 158 -11.80 -4.76 3.17
C ALA A 158 -10.81 -5.08 4.28
N PHE A 159 -9.64 -4.46 4.25
CA PHE A 159 -8.67 -4.68 5.33
C PHE A 159 -9.10 -4.00 6.62
N LEU A 160 -9.79 -2.85 6.52
CA LEU A 160 -10.33 -2.23 7.72
C LEU A 160 -11.44 -3.08 8.32
N ALA A 161 -12.28 -3.68 7.48
CA ALA A 161 -13.29 -4.61 7.98
C ALA A 161 -12.66 -5.84 8.59
N LEU A 162 -11.55 -6.30 8.02
CA LEU A 162 -10.84 -7.44 8.60
C LEU A 162 -10.22 -7.07 9.94
N CYS A 163 -9.72 -5.83 10.07
CA CYS A 163 -9.13 -5.40 11.33
C CYS A 163 -10.19 -5.25 12.42
N TYR A 164 -11.36 -4.73 12.07
CA TYR A 164 -12.43 -4.59 13.05
C TYR A 164 -12.90 -5.97 13.55
N HIS A 165 -12.96 -6.95 12.66
CA HIS A 165 -13.42 -8.28 13.04
C HIS A 165 -12.42 -8.95 13.97
N PHE A 166 -11.13 -8.89 13.64
CA PHE A 166 -10.13 -9.56 14.46
C PHE A 166 -9.80 -8.77 15.72
N GLU A 167 -9.98 -7.45 15.71
CA GLU A 167 -9.93 -6.70 16.96
C GLU A 167 -11.06 -7.13 17.88
N SER A 168 -12.23 -7.43 17.33
CA SER A 168 -13.35 -7.91 18.14
C SER A 168 -13.10 -9.33 18.64
N LEU A 169 -12.51 -10.19 17.79
CA LEU A 169 -12.23 -11.56 18.20
C LEU A 169 -11.18 -11.62 19.29
N LYS A 170 -10.27 -10.65 19.35
CA LYS A 170 -9.17 -10.68 20.30
C LYS A 170 -9.50 -9.98 21.62
N LYS A 171 -10.18 -8.84 21.57
CA LYS A 171 -10.41 -8.04 22.76
C LYS A 171 -11.82 -8.19 23.33
N GLU A 172 -12.82 -8.47 22.50
CA GLU A 172 -14.17 -8.59 23.01
C GLU A 172 -14.55 -10.03 23.31
N HIS A 173 -14.27 -10.95 22.39
CA HIS A 173 -14.55 -12.37 22.59
C HIS A 173 -13.34 -13.15 23.07
N HIS A 174 -12.18 -12.49 23.19
CA HIS A 174 -10.97 -13.09 23.77
C HIS A 174 -10.57 -14.39 23.07
N ILE A 175 -10.80 -14.46 21.77
CA ILE A 175 -10.48 -15.65 20.99
C ILE A 175 -8.99 -15.65 20.67
N ASP A 176 -8.36 -16.82 20.82
CA ASP A 176 -6.97 -17.01 20.39
C ASP A 176 -6.98 -17.30 18.90
N THR A 177 -6.67 -16.30 18.09
CA THR A 177 -6.75 -16.41 16.63
C THR A 177 -5.66 -17.30 16.03
N SER A 178 -4.84 -17.97 16.84
CA SER A 178 -3.85 -18.90 16.28
C SER A 178 -4.51 -20.10 15.62
N LYS A 179 -5.73 -20.44 16.04
CA LYS A 179 -6.40 -21.62 15.50
C LYS A 179 -6.64 -21.50 14.00
N TYR A 180 -6.92 -20.29 13.51
CA TYR A 180 -7.22 -20.10 12.10
C TYR A 180 -5.97 -20.19 11.21
N LYS A 181 -4.78 -20.34 11.79
CA LYS A 181 -3.55 -20.33 11.01
C LYS A 181 -3.50 -21.51 10.06
N ASP A 182 -3.48 -21.21 8.76
CA ASP A 182 -3.41 -22.21 7.70
C ASP A 182 -4.53 -23.24 7.76
N SER A 183 -5.64 -22.89 8.42
CA SER A 183 -6.73 -23.82 8.59
C SER A 183 -7.61 -23.86 7.34
N ASP A 184 -8.38 -24.94 7.22
CA ASP A 184 -9.33 -25.10 6.14
C ASP A 184 -10.73 -24.63 6.50
N GLU A 185 -10.98 -24.34 7.77
CA GLU A 185 -12.29 -23.84 8.18
C GLU A 185 -12.50 -22.43 7.65
N GLU A 186 -13.73 -22.13 7.26
CA GLU A 186 -14.06 -20.85 6.64
C GLU A 186 -14.73 -19.95 7.66
N LEU A 187 -14.28 -18.70 7.71
CA LEU A 187 -14.77 -17.71 8.66
C LEU A 187 -15.78 -16.80 7.99
N THR A 188 -16.78 -16.37 8.76
CA THR A 188 -17.75 -15.36 8.32
C THR A 188 -17.26 -14.01 8.82
N ILE A 189 -16.87 -13.14 7.90
CA ILE A 189 -16.24 -11.87 8.21
C ILE A 189 -17.14 -10.77 7.69
N PRO A 190 -17.46 -9.75 8.50
CA PRO A 190 -18.22 -8.60 7.97
C PRO A 190 -17.44 -7.91 6.86
N GLY A 191 -18.11 -7.68 5.74
CA GLY A 191 -17.51 -7.07 4.58
C GLY A 191 -17.01 -8.04 3.53
N PHE A 192 -17.20 -9.34 3.73
CA PHE A 192 -16.76 -10.37 2.79
C PHE A 192 -17.97 -11.20 2.38
N LYS A 193 -18.27 -11.20 1.08
CA LYS A 193 -19.45 -11.91 0.58
C LYS A 193 -19.42 -13.38 0.96
N ASN A 194 -18.37 -14.08 0.56
CA ASN A 194 -18.30 -15.51 0.81
C ASN A 194 -17.37 -15.81 1.99
N PRO A 195 -17.60 -16.94 2.65
CA PRO A 195 -16.75 -17.34 3.77
C PRO A 195 -15.27 -17.23 3.44
N TYR A 196 -14.48 -16.81 4.43
CA TYR A 196 -13.06 -16.56 4.27
C TYR A 196 -12.29 -17.79 4.75
N PRO A 197 -11.63 -18.54 3.88
CA PRO A 197 -10.83 -19.68 4.35
C PRO A 197 -9.68 -19.23 5.22
N GLY A 198 -9.42 -19.99 6.28
CA GLY A 198 -8.41 -19.59 7.26
C GLY A 198 -7.01 -19.51 6.67
N LYS A 199 -6.71 -20.34 5.66
CA LYS A 199 -5.36 -20.38 5.11
C LYS A 199 -5.02 -19.16 4.27
N PHE A 200 -5.98 -18.27 4.02
CA PHE A 200 -5.74 -17.05 3.26
C PHE A 200 -5.63 -15.82 4.14
N LEU A 201 -5.60 -15.99 5.45
CA LEU A 201 -5.54 -14.84 6.34
C LEU A 201 -4.11 -14.29 6.40
N PRO A 202 -3.95 -12.96 6.41
CA PRO A 202 -2.62 -12.39 6.65
C PRO A 202 -2.08 -12.84 8.00
N ARG A 203 -0.75 -12.94 8.08
CA ARG A 203 -0.12 -13.45 9.29
C ARG A 203 -0.41 -12.57 10.50
N LEU A 204 -0.66 -11.28 10.28
CA LEU A 204 -0.98 -10.39 11.39
C LEU A 204 -2.27 -10.79 12.10
N THR A 205 -3.14 -11.54 11.43
CA THR A 205 -4.40 -11.97 12.05
C THR A 205 -4.24 -13.25 12.86
N THR A 206 -3.27 -14.10 12.53
CA THR A 206 -3.08 -15.36 13.22
C THR A 206 -1.85 -15.40 14.11
N ASP A 207 -0.80 -14.63 13.78
CA ASP A 207 0.39 -14.59 14.61
C ASP A 207 0.08 -13.92 15.94
N GLN A 208 0.45 -14.59 17.03
CA GLN A 208 0.32 -14.01 18.37
C GLN A 208 1.63 -13.34 18.80
N THR A 209 2.17 -12.46 17.97
CA THR A 209 3.43 -11.81 18.30
C THR A 209 3.18 -10.57 19.16
N THR A 210 4.28 -9.92 19.57
CA THR A 210 4.17 -8.64 20.24
C THR A 210 3.62 -7.57 19.29
N ALA A 211 4.18 -7.50 18.09
CA ALA A 211 3.83 -6.42 17.16
C ALA A 211 2.35 -6.43 16.80
N THR A 212 1.73 -7.61 16.73
CA THR A 212 0.33 -7.65 16.33
C THR A 212 -0.62 -7.30 17.47
N THR A 213 -0.26 -7.62 18.71
CA THR A 213 -1.08 -7.16 19.83
C THR A 213 -1.03 -5.65 19.96
N LEU A 214 0.13 -5.06 19.70
CA LEU A 214 0.24 -3.60 19.67
C LEU A 214 -0.45 -3.03 18.44
N PHE A 215 -0.46 -3.77 17.33
CA PHE A 215 -1.14 -3.30 16.13
C PHE A 215 -2.65 -3.28 16.33
N PHE A 216 -3.20 -4.31 16.97
CA PHE A 216 -4.64 -4.34 17.20
C PHE A 216 -5.06 -3.46 18.37
N ASP A 217 -4.12 -3.06 19.23
CA ASP A 217 -4.40 -1.98 20.17
C ASP A 217 -4.61 -0.66 19.44
N SER A 218 -3.94 -0.48 18.30
CA SER A 218 -4.14 0.71 17.48
C SER A 218 -5.48 0.65 16.76
N VAL A 219 -5.94 -0.55 16.40
CA VAL A 219 -7.27 -0.68 15.80
C VAL A 219 -8.37 -0.33 16.80
N THR A 220 -8.16 -0.59 18.09
CA THR A 220 -9.15 -0.21 19.10
C THR A 220 -9.29 1.31 19.16
N ARG A 221 -8.23 2.05 18.88
CA ARG A 221 -8.26 3.50 18.93
C ARG A 221 -8.79 4.14 17.64
N PHE A 222 -9.08 3.33 16.61
CA PHE A 222 -9.77 3.86 15.44
C PHE A 222 -11.11 4.46 15.81
N LYS A 223 -11.75 3.93 16.86
CA LYS A 223 -13.09 4.34 17.23
C LYS A 223 -13.13 5.72 17.86
N GLU A 224 -12.01 6.20 18.38
CA GLU A 224 -11.95 7.51 19.02
C GLU A 224 -11.82 8.65 18.03
N THR A 225 -11.72 8.37 16.74
CA THR A 225 -11.47 9.40 15.74
C THR A 225 -12.77 9.92 15.15
N LYS A 226 -12.68 11.08 14.50
CA LYS A 226 -13.86 11.69 13.89
C LYS A 226 -14.19 11.06 12.54
N GLY A 227 -13.17 10.67 11.78
CA GLY A 227 -13.39 10.04 10.49
C GLY A 227 -12.15 9.30 10.04
N ILE A 228 -12.34 8.44 9.05
CA ILE A 228 -11.27 7.62 8.50
C ILE A 228 -11.31 7.74 6.98
N MET A 229 -10.24 8.26 6.40
CA MET A 229 -10.07 8.31 4.95
C MET A 229 -9.41 7.03 4.47
N VAL A 230 -10.06 6.32 3.57
CA VAL A 230 -9.54 5.08 3.01
C VAL A 230 -9.16 5.32 1.56
N ASN A 231 -8.10 4.63 1.11
CA ASN A 231 -7.60 4.77 -0.26
C ASN A 231 -8.27 3.74 -1.17
N THR A 232 -9.52 4.01 -1.47
CA THR A 232 -10.34 3.20 -2.37
C THR A 232 -11.48 4.08 -2.86
N PHE A 233 -12.42 3.48 -3.59
CA PHE A 233 -13.60 4.22 -4.00
C PHE A 233 -14.83 3.31 -3.91
N ALA A 234 -16.00 3.95 -3.87
CA ALA A 234 -17.24 3.27 -3.49
C ALA A 234 -17.56 2.13 -4.45
N GLU A 235 -17.26 2.30 -5.74
CA GLU A 235 -17.60 1.28 -6.73
C GLU A 235 -16.64 0.11 -6.74
N LEU A 236 -15.49 0.23 -6.07
CA LEU A 236 -14.50 -0.85 -6.05
C LEU A 236 -14.77 -1.86 -4.95
N GLU A 237 -15.02 -1.38 -3.72
CA GLU A 237 -15.27 -2.24 -2.57
C GLU A 237 -16.65 -1.96 -1.97
N PRO A 238 -17.72 -2.19 -2.73
CA PRO A 238 -19.05 -1.79 -2.22
C PRO A 238 -19.50 -2.60 -1.03
N PHE A 239 -19.27 -3.92 -1.04
CA PHE A 239 -19.72 -4.75 0.08
C PHE A 239 -18.89 -4.49 1.34
N ALA A 240 -17.57 -4.35 1.19
CA ALA A 240 -16.73 -4.07 2.34
C ALA A 240 -17.02 -2.69 2.93
N LEU A 241 -17.27 -1.70 2.06
CA LEU A 241 -17.46 -0.33 2.55
C LEU A 241 -18.76 -0.18 3.32
N GLN A 242 -19.84 -0.81 2.85
CA GLN A 242 -21.14 -0.66 3.49
C GLN A 242 -21.27 -1.49 4.77
N SER A 243 -20.26 -2.28 5.12
CA SER A 243 -20.24 -3.01 6.38
C SER A 243 -19.60 -2.21 7.50
N LEU A 244 -19.04 -1.03 7.20
CA LEU A 244 -18.33 -0.22 8.17
C LEU A 244 -19.20 0.95 8.61
N LEU A 245 -19.36 1.11 9.93
CA LEU A 245 -20.28 2.09 10.48
C LEU A 245 -19.54 3.18 11.22
N VAL A 246 -19.05 2.89 12.43
CA VAL A 246 -18.26 3.85 13.19
C VAL A 246 -16.79 3.72 12.79
N PRO A 247 -16.06 4.83 12.65
CA PRO A 247 -16.65 6.16 12.45
C PRO A 247 -16.94 6.35 10.96
N LYS A 248 -17.27 7.58 10.53
CA LYS A 248 -17.64 7.77 9.13
C LYS A 248 -16.43 7.54 8.22
N ILE A 249 -16.64 6.74 7.18
CA ILE A 249 -15.59 6.36 6.24
C ILE A 249 -15.68 7.28 5.03
N TYR A 250 -14.54 7.81 4.61
CA TYR A 250 -14.45 8.69 3.45
C TYR A 250 -13.60 8.03 2.37
N PRO A 251 -14.19 7.30 1.42
CA PRO A 251 -13.39 6.78 0.30
C PRO A 251 -12.99 7.89 -0.65
N VAL A 252 -11.72 8.27 -0.62
CA VAL A 252 -11.20 9.39 -1.41
C VAL A 252 -10.25 8.93 -2.51
N GLY A 253 -10.04 7.63 -2.67
CA GLY A 253 -9.13 7.12 -3.66
C GLY A 253 -9.79 6.92 -5.02
N PRO A 254 -9.02 6.44 -6.01
CA PRO A 254 -7.63 6.00 -5.85
C PRO A 254 -6.62 7.15 -5.81
N VAL A 255 -5.98 7.31 -4.65
CA VAL A 255 -4.89 8.27 -4.48
C VAL A 255 -3.60 7.57 -4.88
N VAL A 256 -2.89 8.14 -5.85
CA VAL A 256 -1.70 7.49 -6.39
C VAL A 256 -0.79 8.55 -7.00
N ASN A 257 0.51 8.38 -6.79
CA ASN A 257 1.52 9.31 -7.28
C ASN A 257 2.09 8.78 -8.59
N PHE A 258 1.73 9.43 -9.70
CA PHE A 258 2.34 9.15 -10.99
C PHE A 258 3.56 10.03 -11.26
N LYS A 259 3.67 11.14 -10.54
CA LYS A 259 4.54 12.24 -10.98
C LYS A 259 6.01 11.84 -10.93
N GLU A 260 6.45 11.22 -9.82
CA GLU A 260 7.83 10.77 -9.69
C GLU A 260 8.15 9.80 -10.81
N GLY A 261 8.53 10.32 -11.99
CA GLY A 261 8.91 9.45 -13.08
C GLY A 261 10.09 8.56 -12.73
N GLY A 262 10.96 9.03 -11.86
CA GLY A 262 12.03 8.23 -11.31
C GLY A 262 11.52 7.07 -10.48
N ASN A 266 14.59 4.95 -9.68
CA ASN A 266 15.02 4.62 -11.04
C ASN A 266 14.80 5.77 -12.02
N SER A 267 15.89 6.42 -12.42
CA SER A 267 15.77 7.56 -13.30
C SER A 267 15.51 7.12 -14.74
N GLU A 268 15.24 8.11 -15.59
CA GLU A 268 14.49 7.86 -16.83
C GLU A 268 15.30 7.15 -17.91
N SER A 269 16.63 7.14 -17.82
CA SER A 269 17.43 6.61 -18.92
C SER A 269 17.17 5.12 -19.13
N GLU A 270 17.09 4.35 -18.05
CA GLU A 270 16.80 2.93 -18.16
C GLU A 270 15.32 2.68 -18.45
N THR A 271 14.45 3.55 -17.94
CA THR A 271 13.04 3.48 -18.29
C THR A 271 12.83 3.73 -19.78
N GLU A 272 13.64 4.60 -20.38
CA GLU A 272 13.54 4.85 -21.82
C GLU A 272 13.76 3.56 -22.60
N SER A 273 14.81 2.82 -22.27
CA SER A 273 15.08 1.56 -22.95
C SER A 273 13.95 0.56 -22.73
N ILE A 274 13.40 0.52 -21.52
CA ILE A 274 12.26 -0.36 -21.25
C ILE A 274 11.02 0.12 -22.00
N ILE A 275 10.75 1.43 -21.95
CA ILE A 275 9.62 1.97 -22.69
C ILE A 275 9.82 1.81 -24.19
N LYS A 276 11.02 2.15 -24.68
CA LYS A 276 11.32 1.99 -26.10
C LYS A 276 11.15 0.55 -26.55
N TRP A 277 11.45 -0.41 -25.69
CA TRP A 277 11.30 -1.81 -26.06
C TRP A 277 9.83 -2.24 -26.02
N LEU A 278 9.08 -1.76 -25.04
CA LEU A 278 7.65 -2.08 -24.99
C LEU A 278 6.90 -1.43 -26.14
N ASP A 279 7.38 -0.30 -26.64
CA ASP A 279 6.74 0.35 -27.78
C ASP A 279 6.73 -0.56 -29.00
N ASP A 280 7.67 -1.50 -29.07
CA ASP A 280 7.79 -2.41 -30.21
C ASP A 280 6.94 -3.67 -30.07
N GLN A 281 6.32 -3.88 -28.91
CA GLN A 281 5.53 -5.08 -28.67
C GLN A 281 4.07 -4.84 -29.04
N PRO A 282 3.34 -5.91 -29.38
CA PRO A 282 1.89 -5.77 -29.64
C PRO A 282 1.16 -5.33 -28.38
N GLU A 283 -0.05 -4.82 -28.58
CA GLU A 283 -0.81 -4.25 -27.48
C GLU A 283 -1.50 -5.34 -26.67
N SER A 284 -1.51 -5.16 -25.35
CA SER A 284 -2.13 -6.10 -24.40
C SER A 284 -1.55 -7.50 -24.52
N SER A 285 -0.25 -7.60 -24.87
CA SER A 285 0.37 -8.89 -25.10
C SER A 285 1.45 -9.25 -24.09
N VAL A 286 1.93 -8.30 -23.30
CA VAL A 286 3.04 -8.53 -22.38
C VAL A 286 2.49 -8.64 -20.96
N VAL A 287 2.84 -9.73 -20.27
CA VAL A 287 2.52 -9.89 -18.86
C VAL A 287 3.69 -9.38 -18.04
N PHE A 288 3.39 -8.54 -17.05
CA PHE A 288 4.40 -7.78 -16.32
C PHE A 288 4.63 -8.37 -14.93
N LEU A 289 5.87 -8.75 -14.64
CA LEU A 289 6.24 -9.38 -13.39
C LEU A 289 6.81 -8.32 -12.44
N CYS A 290 6.22 -8.20 -11.26
CA CYS A 290 6.70 -7.25 -10.25
C CYS A 290 6.10 -7.60 -8.90
N PHE A 291 6.86 -7.33 -7.82
CA PHE A 291 6.48 -7.79 -6.49
C PHE A 291 6.85 -6.76 -5.43
N GLY A 292 6.58 -5.49 -5.69
CA GLY A 292 6.67 -4.47 -4.66
C GLY A 292 8.07 -4.17 -4.18
N SER A 293 8.13 -3.32 -3.15
CA SER A 293 9.38 -2.70 -2.73
C SER A 293 10.33 -3.74 -2.12
N MET A 294 9.81 -4.67 -1.32
CA MET A 294 10.66 -5.61 -0.60
C MET A 294 10.45 -7.06 -1.05
N GLY A 295 9.73 -7.29 -2.15
CA GLY A 295 9.49 -8.64 -2.62
C GLY A 295 10.67 -9.18 -3.41
N SER A 296 11.08 -10.40 -3.08
CA SER A 296 12.13 -11.10 -3.80
C SER A 296 11.85 -12.59 -3.74
N PHE A 297 12.76 -13.38 -4.28
CA PHE A 297 12.57 -14.83 -4.35
C PHE A 297 13.90 -15.54 -4.14
N ASP A 298 13.80 -16.79 -3.66
CA ASP A 298 14.96 -17.62 -3.41
C ASP A 298 15.33 -18.41 -4.67
N ALA A 299 16.63 -18.67 -4.82
CA ALA A 299 17.24 -19.23 -6.02
C ALA A 299 16.39 -20.27 -6.75
N GLU A 300 15.80 -21.20 -6.01
CA GLU A 300 15.01 -22.26 -6.63
C GLU A 300 13.62 -21.80 -7.07
N GLN A 301 13.13 -20.67 -6.54
CA GLN A 301 11.84 -20.16 -6.97
C GLN A 301 11.96 -19.34 -8.25
N ILE A 302 13.00 -18.51 -8.35
CA ILE A 302 13.28 -17.82 -9.60
C ILE A 302 13.46 -18.82 -10.73
N GLU A 303 14.09 -19.94 -10.42
CA GLU A 303 14.18 -21.06 -11.37
C GLU A 303 12.81 -21.46 -11.88
N GLU A 304 11.90 -21.75 -10.95
CA GLU A 304 10.57 -22.23 -11.30
C GLU A 304 9.77 -21.21 -12.10
N ILE A 305 10.10 -19.92 -11.99
CA ILE A 305 9.36 -18.91 -12.74
C ILE A 305 9.83 -18.88 -14.20
N ALA A 306 11.14 -19.08 -14.42
CA ALA A 306 11.67 -19.03 -15.78
C ALA A 306 11.07 -20.12 -16.66
N VAL A 307 10.82 -21.30 -16.08
CA VAL A 307 10.21 -22.38 -16.85
C VAL A 307 8.78 -22.02 -17.24
N ALA A 308 8.01 -21.47 -16.29
CA ALA A 308 6.62 -21.12 -16.57
C ALA A 308 6.53 -20.04 -17.64
N LEU A 309 7.40 -19.03 -17.55
CA LEU A 309 7.38 -17.94 -18.53
C LEU A 309 7.70 -18.46 -19.93
N GLU A 310 8.77 -19.23 -20.06
CA GLU A 310 9.08 -19.85 -21.34
C GLU A 310 7.93 -20.73 -21.80
N CYS A 311 7.46 -21.64 -20.94
CA CYS A 311 6.43 -22.58 -21.32
C CYS A 311 5.08 -21.93 -21.64
N SER A 312 4.85 -20.70 -21.17
CA SER A 312 3.55 -20.06 -21.39
C SER A 312 3.39 -19.61 -22.84
N GLY A 313 4.41 -18.97 -23.40
CA GLY A 313 4.38 -18.51 -24.77
C GLY A 313 4.04 -17.05 -24.95
N HIS A 314 3.88 -16.29 -23.86
CA HIS A 314 3.56 -14.88 -23.92
C HIS A 314 4.81 -14.03 -23.79
N ARG A 315 4.70 -12.77 -24.20
CA ARG A 315 5.74 -11.79 -23.95
C ARG A 315 5.69 -11.37 -22.48
N PHE A 316 6.87 -11.10 -21.91
CA PHE A 316 6.95 -10.79 -20.49
C PHE A 316 8.01 -9.73 -20.24
N LEU A 317 7.68 -8.82 -19.33
CA LEU A 317 8.65 -7.90 -18.73
C LEU A 317 8.76 -8.29 -17.26
N TRP A 318 9.90 -8.86 -16.88
CA TRP A 318 10.10 -9.41 -15.55
C TRP A 318 11.05 -8.52 -14.77
N SER A 319 10.57 -8.01 -13.63
CA SER A 319 11.40 -7.26 -12.70
C SER A 319 11.96 -8.23 -11.66
N LEU A 320 13.26 -8.50 -11.75
CA LEU A 320 13.93 -9.46 -10.88
C LEU A 320 14.93 -8.72 -10.01
N ARG A 321 14.74 -8.77 -8.70
CA ARG A 321 15.63 -8.12 -7.75
C ARG A 321 16.41 -9.16 -6.96
N ARG A 322 17.54 -8.72 -6.41
CA ARG A 322 18.32 -9.71 -5.68
C ARG A 322 18.00 -9.67 -4.20
N PRO A 323 17.86 -10.83 -3.56
CA PRO A 323 17.41 -10.89 -2.16
C PRO A 323 18.36 -10.17 -1.22
N PRO A 324 17.85 -9.74 -0.07
CA PRO A 324 18.72 -9.28 1.03
C PRO A 324 19.48 -10.45 1.62
N PRO A 325 20.61 -10.18 2.30
CA PRO A 325 21.41 -11.28 2.88
C PRO A 325 20.70 -12.13 3.93
N LYS A 326 19.50 -11.74 4.38
CA LYS A 326 18.64 -12.47 5.32
C LYS A 326 19.07 -12.25 6.77
N GLY A 327 20.30 -11.82 7.00
CA GLY A 327 20.69 -11.41 8.34
C GLY A 327 19.94 -10.16 8.72
N LYS A 328 20.14 -9.10 7.94
CA LYS A 328 19.38 -7.85 8.05
C LYS A 328 19.34 -7.19 6.68
N MET A 329 20.08 -6.09 6.55
CA MET A 329 20.52 -5.53 5.27
C MET A 329 19.35 -5.12 4.37
N GLU A 330 18.55 -4.17 4.88
CA GLU A 330 17.68 -3.32 4.07
C GLU A 330 16.83 -4.07 3.05
N LEU A 331 16.66 -3.50 1.86
CA LEU A 331 15.70 -3.95 0.86
C LEU A 331 16.36 -4.84 -0.18
N PRO A 332 15.56 -5.58 -0.95
CA PRO A 332 16.09 -6.27 -2.13
C PRO A 332 16.85 -5.33 -3.05
N SER A 333 18.00 -5.81 -3.55
CA SER A 333 18.89 -4.99 -4.35
C SER A 333 18.64 -5.18 -5.83
N ASN A 334 19.68 -5.03 -6.65
CA ASN A 334 19.64 -5.36 -8.08
C ASN A 334 20.88 -6.15 -8.45
N TYR A 335 20.72 -7.01 -9.45
CA TYR A 335 21.86 -7.74 -9.99
C TYR A 335 22.62 -6.87 -10.98
N GLU A 336 23.89 -7.21 -11.19
CA GLU A 336 24.66 -6.61 -12.28
C GLU A 336 24.46 -7.36 -13.58
N ASP A 337 24.41 -8.69 -13.50
CA ASP A 337 24.00 -9.53 -14.61
C ASP A 337 23.15 -10.66 -14.04
N PHE A 338 22.18 -11.11 -14.83
CA PHE A 338 21.31 -12.21 -14.48
C PHE A 338 21.84 -13.55 -14.97
N GLN A 339 23.14 -13.61 -15.30
CA GLN A 339 23.84 -14.87 -15.49
C GLN A 339 23.98 -15.61 -14.17
N GLU A 340 24.00 -14.88 -13.05
CA GLU A 340 23.99 -15.54 -11.75
C GLU A 340 22.69 -16.29 -11.51
N VAL A 341 21.57 -15.72 -11.95
CA VAL A 341 20.27 -16.15 -11.44
C VAL A 341 19.57 -17.11 -12.39
N LEU A 342 19.70 -16.92 -13.69
CA LEU A 342 18.73 -17.53 -14.59
C LEU A 342 19.22 -18.88 -15.13
N PRO A 343 18.28 -19.75 -15.51
CA PRO A 343 18.66 -21.03 -16.12
C PRO A 343 19.50 -20.81 -17.37
N GLU A 344 20.31 -21.82 -17.69
CA GLU A 344 21.18 -21.75 -18.85
C GLU A 344 20.34 -21.73 -20.12
N GLY A 345 20.60 -20.74 -20.98
CA GLY A 345 19.92 -20.61 -22.25
C GLY A 345 18.65 -19.81 -22.23
N PHE A 346 18.01 -19.68 -21.05
CA PHE A 346 16.75 -18.93 -20.97
C PHE A 346 16.91 -17.51 -21.50
N ILE A 347 18.03 -16.86 -21.19
CA ILE A 347 18.25 -15.48 -21.63
C ILE A 347 18.30 -15.42 -23.16
N GLU A 348 19.12 -16.28 -23.77
CA GLU A 348 19.28 -16.28 -25.22
C GLU A 348 18.20 -17.08 -25.93
N ARG A 349 17.21 -17.62 -25.21
CA ARG A 349 16.08 -18.29 -25.82
C ARG A 349 14.80 -17.48 -25.78
N THR A 350 14.69 -16.51 -24.88
CA THR A 350 13.56 -15.58 -24.84
C THR A 350 13.87 -14.27 -25.53
N ASN A 351 14.99 -14.23 -26.26
CA ASN A 351 15.30 -13.11 -27.15
C ASN A 351 14.08 -12.74 -27.98
N GLY A 352 13.73 -11.45 -27.93
CA GLY A 352 12.64 -10.89 -28.70
C GLY A 352 11.25 -11.12 -28.17
N VAL A 353 11.11 -11.84 -27.05
CA VAL A 353 9.79 -12.09 -26.49
C VAL A 353 9.78 -11.63 -25.04
N GLY A 354 10.92 -11.72 -24.36
CA GLY A 354 10.97 -11.41 -22.94
C GLY A 354 12.13 -10.50 -22.60
N LYS A 355 11.99 -9.83 -21.45
CA LYS A 355 13.01 -8.95 -20.90
C LYS A 355 13.04 -9.09 -19.39
N VAL A 356 14.24 -9.04 -18.82
CA VAL A 356 14.44 -9.16 -17.38
C VAL A 356 15.16 -7.91 -16.89
N ILE A 357 14.53 -7.21 -15.96
CA ILE A 357 15.11 -5.99 -15.38
C ILE A 357 15.16 -6.14 -13.86
N GLY A 358 15.66 -5.12 -13.18
CA GLY A 358 15.59 -5.07 -11.74
C GLY A 358 14.42 -4.22 -11.29
N TRP A 359 14.70 -3.12 -10.59
CA TRP A 359 13.65 -2.16 -10.25
C TRP A 359 13.03 -1.62 -11.52
N ALA A 360 11.71 -1.43 -11.50
CA ALA A 360 10.98 -1.09 -12.71
C ALA A 360 10.15 0.18 -12.52
N PRO A 361 10.06 1.02 -13.54
CA PRO A 361 9.09 2.13 -13.49
C PRO A 361 7.68 1.59 -13.61
N GLN A 362 7.10 1.22 -12.46
CA GLN A 362 5.86 0.45 -12.45
C GLN A 362 4.72 1.19 -13.15
N VAL A 363 4.54 2.47 -12.83
CA VAL A 363 3.44 3.22 -13.42
C VAL A 363 3.67 3.42 -14.91
N ALA A 364 4.91 3.69 -15.32
CA ALA A 364 5.22 3.83 -16.74
C ALA A 364 5.00 2.52 -17.47
N VAL A 365 5.31 1.39 -16.82
CA VAL A 365 5.14 0.09 -17.46
C VAL A 365 3.65 -0.26 -17.54
N LEU A 366 2.92 -0.09 -16.44
CA LEU A 366 1.51 -0.47 -16.41
C LEU A 366 0.66 0.40 -17.32
N SER A 367 1.05 1.67 -17.50
CA SER A 367 0.32 2.57 -18.38
C SER A 367 0.57 2.28 -19.85
N HIS A 368 1.62 1.54 -20.17
CA HIS A 368 1.95 1.27 -21.57
C HIS A 368 0.88 0.36 -22.20
N PRO A 369 0.49 0.63 -23.44
CA PRO A 369 -0.55 -0.19 -24.08
C PRO A 369 -0.14 -1.63 -24.33
N ALA A 370 1.16 -1.93 -24.34
CA ALA A 370 1.60 -3.30 -24.64
C ALA A 370 1.34 -4.24 -23.47
N VAL A 371 1.35 -3.73 -22.25
CA VAL A 371 1.17 -4.56 -21.07
C VAL A 371 -0.30 -4.94 -20.94
N GLY A 372 -0.56 -6.25 -20.83
CA GLY A 372 -1.92 -6.74 -20.72
C GLY A 372 -2.19 -7.56 -19.48
N GLY A 373 -1.16 -7.83 -18.70
CA GLY A 373 -1.30 -8.59 -17.47
C GLY A 373 -0.27 -8.22 -16.44
N PHE A 374 -0.65 -8.21 -15.16
CA PHE A 374 0.23 -7.79 -14.07
C PHE A 374 0.22 -8.87 -12.98
N VAL A 375 1.23 -9.73 -12.99
CA VAL A 375 1.43 -10.62 -11.85
C VAL A 375 2.02 -9.79 -10.73
N SER A 376 1.39 -9.81 -9.56
CA SER A 376 1.76 -8.89 -8.50
C SER A 376 1.61 -9.57 -7.16
N HIS A 377 2.34 -9.04 -6.18
CA HIS A 377 2.17 -9.42 -4.78
C HIS A 377 0.91 -8.83 -4.18
N CYS A 378 0.17 -8.01 -4.93
CA CYS A 378 -1.10 -7.43 -4.52
C CYS A 378 -0.95 -6.44 -3.36
N GLY A 379 0.20 -5.77 -3.27
CA GLY A 379 0.26 -4.57 -2.47
C GLY A 379 -0.73 -3.54 -2.99
N TRP A 380 -1.43 -2.87 -2.07
CA TRP A 380 -2.62 -2.14 -2.48
C TRP A 380 -2.30 -0.97 -3.39
N ASN A 381 -1.18 -0.27 -3.16
CA ASN A 381 -0.77 0.78 -4.09
C ASN A 381 -0.54 0.21 -5.47
N SER A 382 0.10 -0.96 -5.56
CA SER A 382 0.31 -1.60 -6.84
C SER A 382 -1.01 -1.98 -7.51
N VAL A 383 -1.99 -2.40 -6.72
CA VAL A 383 -3.28 -2.79 -7.28
C VAL A 383 -4.00 -1.57 -7.84
N LEU A 384 -4.01 -0.47 -7.08
CA LEU A 384 -4.64 0.75 -7.56
C LEU A 384 -3.99 1.26 -8.83
N GLU A 385 -2.67 1.10 -8.96
CA GLU A 385 -1.98 1.50 -10.18
C GLU A 385 -2.37 0.60 -11.35
N SER A 386 -2.50 -0.71 -11.11
CA SER A 386 -2.91 -1.62 -12.17
C SER A 386 -4.34 -1.35 -12.62
N LEU A 387 -5.24 -1.12 -11.65
CA LEU A 387 -6.64 -0.87 -12.01
C LEU A 387 -6.83 0.48 -12.66
N CYS A 388 -5.97 1.45 -12.36
CA CYS A 388 -6.07 2.77 -12.99
C CYS A 388 -5.81 2.71 -14.48
N PHE A 389 -5.18 1.65 -14.97
CA PHE A 389 -4.92 1.47 -16.40
C PHE A 389 -5.61 0.23 -16.97
N GLY A 390 -6.50 -0.40 -16.21
CA GLY A 390 -7.29 -1.50 -16.72
C GLY A 390 -6.54 -2.79 -16.94
N VAL A 391 -5.47 -3.02 -16.18
CA VAL A 391 -4.63 -4.21 -16.35
C VAL A 391 -5.09 -5.26 -15.33
N PRO A 392 -5.54 -6.43 -15.77
CA PRO A 392 -5.89 -7.49 -14.83
C PRO A 392 -4.65 -8.03 -14.13
N ILE A 393 -4.88 -8.70 -13.00
CA ILE A 393 -3.82 -9.04 -12.06
C ILE A 393 -3.72 -10.56 -11.93
N GLY A 394 -2.49 -11.05 -11.83
CA GLY A 394 -2.22 -12.39 -11.34
C GLY A 394 -1.78 -12.30 -9.90
N ALA A 395 -2.55 -12.92 -9.01
CA ALA A 395 -2.40 -12.71 -7.58
C ALA A 395 -1.36 -13.68 -7.02
N TRP A 396 -0.24 -13.13 -6.56
CA TRP A 396 0.82 -13.91 -5.89
C TRP A 396 1.28 -13.13 -4.66
N PRO A 397 0.47 -13.14 -3.59
CA PRO A 397 0.79 -12.32 -2.42
C PRO A 397 2.00 -12.83 -1.67
N GLN A 398 2.59 -11.93 -0.86
CA GLN A 398 3.82 -12.23 -0.15
C GLN A 398 3.69 -11.98 1.35
N TYR A 399 3.48 -10.72 1.75
CA TYR A 399 3.55 -10.33 3.15
C TYR A 399 2.45 -9.31 3.45
N ALA A 400 2.39 -8.88 4.70
CA ALA A 400 1.46 -7.85 5.19
C ALA A 400 0.04 -8.35 4.95
N GLU A 401 -0.86 -7.53 4.40
CA GLU A 401 -2.24 -7.91 4.17
C GLU A 401 -2.47 -8.43 2.75
N GLN A 402 -1.40 -8.67 2.00
CA GLN A 402 -1.52 -8.96 0.58
C GLN A 402 -2.30 -10.24 0.31
N GLN A 403 -2.25 -11.21 1.24
CA GLN A 403 -3.06 -12.41 1.07
C GLN A 403 -4.55 -12.08 1.09
N MET A 404 -4.94 -11.06 1.85
CA MET A 404 -6.34 -10.63 1.85
C MET A 404 -6.67 -9.84 0.59
N ASN A 405 -5.74 -8.99 0.14
CA ASN A 405 -5.94 -8.29 -1.13
C ASN A 405 -6.13 -9.28 -2.27
N ALA A 406 -5.34 -10.36 -2.27
CA ALA A 406 -5.46 -11.38 -3.32
C ALA A 406 -6.81 -12.07 -3.26
N PHE A 407 -7.20 -12.55 -2.07
CA PHE A 407 -8.48 -13.24 -1.93
C PHE A 407 -9.64 -12.35 -2.34
N GLU A 408 -9.55 -11.06 -2.00
CA GLU A 408 -10.62 -10.13 -2.38
C GLU A 408 -10.64 -9.90 -3.89
N LEU A 409 -9.47 -9.73 -4.51
CA LEU A 409 -9.43 -9.47 -5.94
C LEU A 409 -9.82 -10.69 -6.75
N VAL A 410 -9.61 -11.89 -6.20
CA VAL A 410 -9.87 -13.12 -6.94
C VAL A 410 -11.28 -13.65 -6.66
N LYS A 411 -11.68 -13.70 -5.40
CA LYS A 411 -12.93 -14.35 -5.01
C LYS A 411 -14.08 -13.39 -4.78
N GLN A 412 -13.81 -12.11 -4.52
CA GLN A 412 -14.86 -11.14 -4.22
C GLN A 412 -15.09 -10.14 -5.34
N LEU A 413 -14.03 -9.71 -6.03
CA LEU A 413 -14.15 -8.64 -7.00
C LEU A 413 -13.99 -9.10 -8.45
N GLY A 414 -13.65 -10.38 -8.67
CA GLY A 414 -13.49 -10.89 -10.02
C GLY A 414 -12.46 -10.14 -10.84
N LEU A 415 -11.40 -9.64 -10.21
CA LEU A 415 -10.44 -8.79 -10.88
C LEU A 415 -9.06 -9.42 -11.01
N ALA A 416 -8.88 -10.66 -10.58
CA ALA A 416 -7.56 -11.27 -10.59
C ALA A 416 -7.67 -12.78 -10.70
N VAL A 417 -6.64 -13.40 -11.27
CA VAL A 417 -6.48 -14.84 -11.32
C VAL A 417 -5.51 -15.26 -10.23
N GLU A 418 -5.76 -16.41 -9.62
CA GLU A 418 -4.90 -16.88 -8.54
C GLU A 418 -3.65 -17.53 -9.10
N ILE A 419 -2.48 -17.03 -8.71
CA ILE A 419 -1.25 -17.82 -8.83
C ILE A 419 -1.13 -18.77 -7.64
N ARG A 420 -1.07 -18.21 -6.43
CA ARG A 420 -1.23 -18.97 -5.20
C ARG A 420 -1.54 -17.98 -4.07
N MET A 421 -2.79 -17.99 -3.57
CA MET A 421 -3.19 -17.01 -2.57
C MET A 421 -2.66 -17.33 -1.18
N ASP A 422 -2.40 -18.60 -0.90
CA ASP A 422 -1.86 -19.02 0.40
C ASP A 422 -0.35 -19.13 0.36
N TYR A 423 0.31 -18.07 -0.09
CA TYR A 423 1.77 -17.97 -0.12
C TYR A 423 2.21 -16.87 0.82
N PHE A 424 3.22 -17.15 1.64
CA PHE A 424 3.73 -16.22 2.64
C PHE A 424 5.25 -16.19 2.56
N LYS A 425 5.82 -15.01 2.33
CA LYS A 425 7.26 -14.85 2.26
C LYS A 425 7.80 -14.64 3.67
N ASP A 426 8.62 -15.57 4.14
CA ASP A 426 9.05 -15.63 5.53
C ASP A 426 10.37 -14.88 5.69
N PHE A 427 10.34 -13.79 6.44
CA PHE A 427 11.55 -12.98 6.64
C PHE A 427 12.38 -13.47 7.81
N GLU A 428 11.74 -13.99 8.86
CA GLU A 428 12.46 -14.52 10.00
C GLU A 428 13.27 -15.76 9.66
N GLY A 429 12.89 -16.48 8.61
CA GLY A 429 13.58 -17.70 8.23
C GLY A 429 13.28 -18.87 9.13
N HIS A 431 6.88 -17.54 7.98
CA HIS A 431 6.16 -18.75 8.37
C HIS A 431 5.14 -19.11 7.31
N GLY A 432 5.24 -20.33 6.76
CA GLY A 432 4.35 -20.76 5.71
C GLY A 432 4.21 -22.26 5.61
N PRO A 433 3.17 -22.72 4.92
CA PRO A 433 3.00 -24.16 4.69
C PRO A 433 3.43 -24.56 3.29
N VAL A 434 3.77 -23.56 2.47
CA VAL A 434 4.08 -23.81 1.06
C VAL A 434 5.37 -23.08 0.73
N GLU A 435 6.36 -23.84 0.28
CA GLU A 435 7.67 -23.29 0.00
C GLU A 435 7.79 -22.80 -1.44
N ILE A 436 7.45 -23.64 -2.39
CA ILE A 436 7.61 -23.32 -3.81
C ILE A 436 6.26 -23.44 -4.50
N VAL A 437 5.83 -22.36 -5.14
CA VAL A 437 4.75 -22.48 -6.12
C VAL A 437 5.38 -22.94 -7.43
N THR A 438 4.68 -23.80 -8.14
CA THR A 438 5.25 -24.51 -9.26
C THR A 438 5.07 -23.71 -10.55
N ALA A 439 5.93 -23.99 -11.54
CA ALA A 439 5.76 -23.40 -12.86
C ALA A 439 4.41 -23.79 -13.45
N LYS A 440 3.92 -24.97 -13.08
CA LYS A 440 2.62 -25.44 -13.51
C LYS A 440 1.48 -24.62 -12.93
N GLU A 441 1.67 -24.01 -11.74
CA GLU A 441 0.68 -23.07 -11.22
C GLU A 441 0.87 -21.68 -11.82
N ILE A 442 2.13 -21.29 -12.06
CA ILE A 442 2.40 -19.95 -12.58
C ILE A 442 1.94 -19.86 -14.04
N ALA A 443 2.34 -20.82 -14.86
CA ALA A 443 1.97 -20.79 -16.27
C ALA A 443 0.46 -20.93 -16.45
N SER A 444 -0.18 -21.79 -15.64
CA SER A 444 -1.62 -21.95 -15.74
C SER A 444 -2.34 -20.67 -15.30
N GLY A 445 -1.82 -19.99 -14.29
CA GLY A 445 -2.38 -18.71 -13.92
C GLY A 445 -2.16 -17.64 -14.97
N ILE A 446 -0.97 -17.62 -15.58
CA ILE A 446 -0.70 -16.68 -16.67
C ILE A 446 -1.53 -17.01 -17.89
N ARG A 447 -1.65 -18.31 -18.22
CA ARG A 447 -2.45 -18.72 -19.36
C ARG A 447 -3.90 -18.26 -19.22
N GLN A 448 -4.41 -18.25 -17.98
CA GLN A 448 -5.77 -17.80 -17.74
C GLN A 448 -5.88 -16.28 -17.67
N LEU A 449 -4.78 -15.60 -17.35
CA LEU A 449 -4.83 -14.15 -17.19
C LEU A 449 -4.92 -13.44 -18.54
N MET A 450 -4.15 -13.89 -19.53
CA MET A 450 -4.10 -13.26 -20.83
C MET A 450 -4.99 -13.94 -21.86
N ALA A 451 -5.89 -14.82 -21.42
CA ALA A 451 -6.60 -15.70 -22.34
C ALA A 451 -7.71 -14.95 -23.08
N ASP A 452 -8.11 -15.52 -24.22
CA ASP A 452 -9.35 -15.19 -24.92
C ASP A 452 -9.40 -13.75 -25.41
N GLY A 453 -8.24 -13.21 -25.79
CA GLY A 453 -8.18 -11.83 -26.24
C GLY A 453 -8.74 -10.85 -25.23
N GLU A 454 -9.90 -10.24 -25.54
CA GLU A 454 -10.56 -9.34 -24.62
C GLU A 454 -11.94 -9.84 -24.20
N GLU A 455 -12.27 -11.10 -24.50
CA GLU A 455 -13.45 -11.74 -23.93
C GLU A 455 -13.16 -12.38 -22.58
N ASN A 456 -11.91 -12.39 -22.14
CA ASN A 456 -11.62 -12.73 -20.76
C ASN A 456 -12.43 -11.81 -19.85
N GLU A 457 -13.29 -12.41 -19.02
CA GLU A 457 -14.22 -11.61 -18.25
C GLU A 457 -13.59 -11.00 -17.01
N ILE A 458 -12.43 -11.50 -16.57
CA ILE A 458 -11.67 -10.79 -15.55
C ILE A 458 -11.04 -9.54 -16.14
N ARG A 459 -10.52 -9.65 -17.37
CA ARG A 459 -10.00 -8.48 -18.07
C ARG A 459 -11.10 -7.47 -18.36
N LYS A 460 -12.34 -7.93 -18.54
CA LYS A 460 -13.43 -7.02 -18.87
C LYS A 460 -13.72 -6.05 -17.73
N ARG A 461 -13.73 -6.55 -16.48
CA ARG A 461 -13.99 -5.66 -15.35
C ARG A 461 -12.80 -4.77 -15.05
N ALA A 462 -11.58 -5.25 -15.32
CA ALA A 462 -10.42 -4.39 -15.19
C ALA A 462 -10.55 -3.17 -16.11
N LYS A 463 -11.05 -3.39 -17.32
CA LYS A 463 -11.40 -2.28 -18.21
C LYS A 463 -12.36 -1.32 -17.53
N GLU A 464 -13.40 -1.88 -16.87
CA GLU A 464 -14.44 -1.06 -16.25
C GLU A 464 -13.88 -0.27 -15.07
N MET A 465 -12.97 -0.87 -14.31
CA MET A 465 -12.42 -0.17 -13.15
C MET A 465 -11.59 1.03 -13.58
N LYS A 466 -10.94 0.94 -14.74
CA LYS A 466 -10.19 2.09 -15.25
C LYS A 466 -11.10 3.29 -15.48
N GLU A 467 -12.31 3.04 -16.02
CA GLU A 467 -13.25 4.13 -16.23
C GLU A 467 -13.87 4.58 -14.91
N LYS A 468 -14.11 3.64 -13.99
CA LYS A 468 -14.71 3.99 -12.72
C LYS A 468 -13.70 4.65 -11.79
N SER A 469 -12.45 4.20 -11.81
CA SER A 469 -11.42 4.83 -10.98
C SER A 469 -11.15 6.26 -11.45
N SER A 470 -11.19 6.49 -12.76
CA SER A 470 -11.03 7.85 -13.27
C SER A 470 -12.25 8.70 -12.95
N ALA A 471 -13.44 8.13 -13.05
CA ALA A 471 -14.66 8.88 -12.76
C ALA A 471 -14.77 9.24 -11.29
N ALA A 472 -14.22 8.41 -10.40
CA ALA A 472 -14.38 8.64 -8.97
C ALA A 472 -13.63 9.89 -8.52
N MET A 473 -12.54 10.26 -9.20
CA MET A 473 -11.73 11.40 -8.77
C MET A 473 -12.19 12.72 -9.40
N LYS A 474 -12.78 12.68 -10.59
CA LYS A 474 -13.29 13.89 -11.21
C LYS A 474 -14.56 14.36 -10.50
N GLU A 475 -14.93 15.62 -10.75
CA GLU A 475 -16.10 16.18 -10.11
C GLU A 475 -17.34 15.42 -10.53
N GLY A 476 -18.20 15.10 -9.55
CA GLY A 476 -19.28 14.17 -9.79
C GLY A 476 -18.99 12.76 -9.33
N GLY A 477 -17.71 12.44 -9.09
CA GLY A 477 -17.35 11.11 -8.67
C GLY A 477 -17.59 10.87 -7.19
N SER A 478 -17.62 9.58 -6.83
CA SER A 478 -17.86 9.20 -5.45
C SER A 478 -16.74 9.68 -4.54
N SER A 479 -15.48 9.53 -4.97
CA SER A 479 -14.36 9.99 -4.16
C SER A 479 -14.29 11.51 -4.14
N TYR A 480 -14.75 12.17 -5.21
CA TYR A 480 -14.74 13.63 -5.23
C TYR A 480 -15.68 14.20 -4.18
N ALA A 481 -16.92 13.73 -4.15
CA ALA A 481 -17.88 14.21 -3.15
C ALA A 481 -17.50 13.76 -1.76
N SER A 482 -16.98 12.53 -1.62
CA SER A 482 -16.54 12.06 -0.32
C SER A 482 -15.39 12.89 0.22
N LEU A 483 -14.46 13.29 -0.66
CA LEU A 483 -13.41 14.21 -0.24
C LEU A 483 -13.97 15.58 0.10
N GLY A 484 -14.98 16.04 -0.67
CA GLY A 484 -15.62 17.30 -0.34
C GLY A 484 -16.33 17.28 1.00
N LEU A 485 -16.83 16.13 1.40
CA LEU A 485 -17.46 16.01 2.72
C LEU A 485 -16.43 15.95 3.84
N LEU A 486 -15.26 15.36 3.58
CA LEU A 486 -14.20 15.35 4.56
C LEU A 486 -13.75 16.76 4.90
N ILE A 487 -13.62 17.62 3.89
CA ILE A 487 -13.18 18.99 4.12
C ILE A 487 -14.24 19.75 4.92
N GLU A 488 -15.52 19.55 4.60
CA GLU A 488 -16.58 20.27 5.29
C GLU A 488 -16.56 19.99 6.79
N ASP A 489 -16.38 18.73 7.17
CA ASP A 489 -16.29 18.40 8.59
C ASP A 489 -15.02 18.93 9.22
N VAL A 490 -13.94 19.02 8.45
CA VAL A 490 -12.69 19.58 8.98
C VAL A 490 -12.86 21.06 9.28
N ILE A 491 -13.54 21.79 8.39
CA ILE A 491 -13.81 23.20 8.63
C ILE A 491 -14.94 23.40 9.64
N SER A 492 -15.77 22.38 9.85
CA SER A 492 -16.78 22.46 10.89
C SER A 492 -16.17 22.35 12.29
N ASN A 493 -14.91 21.90 12.40
CA ASN A 493 -14.23 21.95 13.69
C ASN A 493 -13.76 23.36 14.01
N ILE A 494 -13.50 24.18 12.98
CA ILE A 494 -12.89 25.49 13.17
C ILE A 494 -13.93 26.60 13.36
N SER A 495 -15.20 26.33 13.11
CA SER A 495 -16.24 27.33 13.25
C SER A 495 -16.81 27.35 14.66
N1 UDP B . 7.48 -0.04 -7.27
C2 UDP B . 8.21 0.31 -8.39
N3 UDP B . 9.00 -0.69 -8.90
C4 UDP B . 9.12 -1.98 -8.41
C5 UDP B . 8.32 -2.26 -7.25
C6 UDP B . 7.54 -1.31 -6.73
O2 UDP B . 8.16 1.42 -8.90
O4 UDP B . 9.89 -2.78 -8.98
C1' UDP B . 6.60 0.98 -6.68
C2' UDP B . 5.16 0.94 -7.21
O2' UDP B . 5.02 1.87 -8.26
C3' UDP B . 4.33 1.34 -5.99
C4' UDP B . 5.17 0.85 -4.80
O4' UDP B . 6.53 0.76 -5.28
O3' UDP B . 4.07 2.73 -5.93
C5' UDP B . 4.75 -0.47 -4.20
O5' UDP B . 3.40 -0.37 -3.70
PA UDP B . 2.85 -1.40 -2.63
O1A UDP B . 2.95 -2.74 -3.24
O2A UDP B . 1.48 -0.98 -2.12
O3A UDP B . 3.86 -1.26 -1.40
PB UDP B . 4.71 -2.43 -0.76
O1B UDP B . 3.74 -3.62 -0.80
O2B UDP B . 5.85 -2.61 -1.76
O3B UDP B . 5.17 -2.10 0.62
CL CL C . 7.11 4.78 -12.41
#